data_5FRI
#
_entry.id   5FRI
#
_cell.length_a   41.960
_cell.length_b   76.700
_cell.length_c   89.070
_cell.angle_alpha   90.00
_cell.angle_beta   90.00
_cell.angle_gamma   90.00
#
_symmetry.space_group_name_H-M   'P 21 21 21'
#
loop_
_entity.id
_entity.type
_entity.pdbx_description
1 polymer 'TGF-BETA RECEPTOR TYPE-1'
2 non-polymer 1,2-ETHANEDIOL
3 non-polymer N-[4-[(6-chloro-[1,3]dioxolo[4,5-b]pyridin-7-yl)amino]-2-pyridyl]cyclopropanecarboxamide
4 water water
#
_entity_poly.entity_id   1
_entity_poly.type   'polypeptide(L)'
_entity_poly.pdbx_seq_one_letter_code
;GGTIARTIVLQESIGKGRFGEVWRGKWRGEEVAVKIFSSREERSWFREAEIYQTVMLRHENILGFIAADNKDNGTWTQLW
LVSDYHEHGSLFDYLNRYTVTVEGMIKLALSTASGLAHLHMEIVGTQGKPAIAHRDLKSKNILVKKNGTCCIADLGLAVR
HDSATDTIDIAPNHRVGTKRYMAPEVLDDSINMKHFESFKRADIYAMGLVFWEIARRCSIGGIHEDYQLPYYDLVPSDPS
VEEMRKVVCEQKLRPNIPNRWQSCEALRVMAKIMRECWYANGAARLTALRIKKTLSQLSQQ
;
_entity_poly.pdbx_strand_id   A
#
loop_
_chem_comp.id
_chem_comp.type
_chem_comp.name
_chem_comp.formula
EDO non-polymer 1,2-ETHANEDIOL 'C2 H6 O2'
ZUQ non-polymer N-[4-[(6-chloro-[1,3]dioxolo[4,5-b]pyridin-7-yl)amino]-2-pyridyl]cyclopropanecarboxamide 'C15 H13 Cl N4 O3'
#
# COMPACT_ATOMS: atom_id res chain seq x y z
N GLY A 1 17.31 11.68 -29.34
CA GLY A 1 16.51 12.20 -28.19
C GLY A 1 16.12 11.11 -27.20
N GLY A 2 15.21 11.46 -26.29
CA GLY A 2 14.81 10.56 -25.20
C GLY A 2 14.35 9.19 -25.65
N THR A 3 14.56 8.20 -24.79
CA THR A 3 14.27 6.79 -25.13
C THR A 3 13.09 6.18 -24.38
N ILE A 4 12.43 6.95 -23.51
CA ILE A 4 11.33 6.39 -22.70
C ILE A 4 10.00 7.03 -23.08
N ALA A 5 9.65 8.17 -22.47
CA ALA A 5 8.36 8.81 -22.69
C ALA A 5 8.14 9.16 -24.17
N ARG A 6 9.21 9.55 -24.86
CA ARG A 6 9.14 9.83 -26.31
C ARG A 6 8.52 8.71 -27.13
N THR A 7 8.78 7.46 -26.76
CA THR A 7 8.34 6.31 -27.54
C THR A 7 7.15 5.56 -26.94
N ILE A 8 6.47 6.14 -25.95
CA ILE A 8 5.32 5.48 -25.33
C ILE A 8 4.04 6.16 -25.84
N VAL A 9 3.05 5.35 -26.20
CA VAL A 9 1.75 5.84 -26.67
C VAL A 9 0.68 5.48 -25.65
N LEU A 10 0.01 6.50 -25.14
CA LEU A 10 -1.08 6.34 -24.17
C LEU A 10 -2.32 5.80 -24.85
N GLN A 11 -3.00 4.88 -24.19
CA GLN A 11 -4.14 4.19 -24.80
C GLN A 11 -5.45 4.34 -24.05
N GLU A 12 -5.37 4.43 -22.71
CA GLU A 12 -6.56 4.36 -21.85
C GLU A 12 -6.30 5.02 -20.49
N SER A 13 -7.23 5.89 -20.09
CA SER A 13 -7.21 6.50 -18.76
C SER A 13 -7.57 5.46 -17.71
N ILE A 14 -6.75 5.34 -16.67
CA ILE A 14 -7.03 4.40 -15.57
C ILE A 14 -7.76 5.11 -14.46
N GLY A 15 -7.21 6.24 -14.02
CA GLY A 15 -7.83 7.01 -12.94
C GLY A 15 -6.88 8.00 -12.33
N LYS A 16 -7.42 8.86 -11.45
CA LYS A 16 -6.65 9.86 -10.72
C LYS A 16 -6.39 9.33 -9.31
N GLY A 17 -5.16 9.51 -8.85
CA GLY A 17 -4.84 9.28 -7.45
C GLY A 17 -4.75 10.61 -6.71
N ARG A 18 -3.91 10.64 -5.67
CA ARG A 18 -3.74 11.82 -4.82
CA ARG A 18 -3.73 11.82 -4.82
C ARG A 18 -3.18 12.97 -5.67
N PHE A 19 -2.10 12.68 -6.40
CA PHE A 19 -1.51 13.60 -7.36
C PHE A 19 -1.36 12.85 -8.67
N GLY A 20 -1.46 13.57 -9.78
CA GLY A 20 -1.27 12.98 -11.09
C GLY A 20 -2.42 12.08 -11.52
N GLU A 21 -2.23 11.45 -12.66
CA GLU A 21 -3.25 10.66 -13.33
C GLU A 21 -2.58 9.42 -13.94
N VAL A 22 -3.23 8.24 -13.85
CA VAL A 22 -2.64 6.99 -14.31
C VAL A 22 -3.24 6.59 -15.66
N TRP A 23 -2.36 6.21 -16.58
CA TRP A 23 -2.71 5.74 -17.93
C TRP A 23 -2.12 4.39 -18.25
N ARG A 24 -2.81 3.64 -19.11
CA ARG A 24 -2.22 2.47 -19.76
C ARG A 24 -1.60 2.93 -21.08
N GLY A 25 -0.34 2.57 -21.29
CA GLY A 25 0.33 2.90 -22.53
C GLY A 25 1.05 1.72 -23.12
N LYS A 26 1.68 1.96 -24.26
CA LYS A 26 2.40 0.94 -24.96
C LYS A 26 3.80 1.43 -25.26
N TRP A 27 4.78 0.63 -24.88
CA TRP A 27 6.21 0.94 -25.06
C TRP A 27 6.83 -0.23 -25.81
N ARG A 28 7.18 -0.01 -27.07
CA ARG A 28 7.62 -1.08 -27.97
C ARG A 28 6.59 -2.22 -28.10
N GLY A 29 5.31 -1.87 -28.10
CA GLY A 29 4.26 -2.88 -28.14
C GLY A 29 3.87 -3.48 -26.79
N GLU A 30 4.71 -3.30 -25.77
CA GLU A 30 4.46 -3.82 -24.43
C GLU A 30 3.63 -2.84 -23.59
N GLU A 31 2.63 -3.36 -22.87
CA GLU A 31 1.82 -2.55 -21.97
C GLU A 31 2.64 -2.08 -20.80
N VAL A 32 2.51 -0.80 -20.48
CA VAL A 32 3.11 -0.19 -19.31
C VAL A 32 2.08 0.71 -18.67
N ALA A 33 2.32 1.09 -17.41
CA ALA A 33 1.46 2.01 -16.71
C ALA A 33 2.24 3.29 -16.52
N VAL A 34 1.56 4.42 -16.70
CA VAL A 34 2.19 5.70 -16.65
C VAL A 34 1.41 6.62 -15.71
N LYS A 35 2.12 7.18 -14.73
CA LYS A 35 1.54 8.19 -13.87
C LYS A 35 2.05 9.56 -14.34
N ILE A 36 1.14 10.44 -14.71
CA ILE A 36 1.51 11.71 -15.33
C ILE A 36 1.15 12.87 -14.41
N PHE A 37 2.12 13.74 -14.17
CA PHE A 37 1.93 14.90 -13.33
C PHE A 37 2.09 16.16 -14.19
N SER A 38 1.45 17.25 -13.79
CA SER A 38 1.69 18.55 -14.41
C SER A 38 2.94 19.23 -13.84
N SER A 39 3.37 20.30 -14.49
CA SER A 39 4.52 21.12 -14.03
C SER A 39 4.39 21.59 -12.58
N ARG A 40 3.17 21.90 -12.17
CA ARG A 40 2.97 22.40 -10.83
C ARG A 40 2.94 21.29 -9.77
N GLU A 41 2.96 20.02 -10.21
CA GLU A 41 3.11 18.87 -9.32
C GLU A 41 4.54 18.30 -9.33
N GLU A 42 5.51 19.08 -9.78
CA GLU A 42 6.91 18.64 -9.85
C GLU A 42 7.44 18.04 -8.54
N ARG A 43 7.14 18.66 -7.40
CA ARG A 43 7.67 18.17 -6.11
C ARG A 43 7.18 16.77 -5.78
N SER A 44 5.89 16.50 -6.05
CA SER A 44 5.31 15.16 -5.83
C SER A 44 5.91 14.11 -6.75
N TRP A 45 6.05 14.49 -8.02
CA TRP A 45 6.66 13.64 -9.02
C TRP A 45 8.12 13.33 -8.66
N PHE A 46 8.89 14.36 -8.31
CA PHE A 46 10.30 14.16 -7.99
C PHE A 46 10.46 13.25 -6.77
N ARG A 47 9.66 13.50 -5.74
CA ARG A 47 9.76 12.71 -4.52
C ARG A 47 9.45 11.23 -4.76
N GLU A 48 8.40 10.96 -5.54
CA GLU A 48 8.06 9.58 -5.86
C GLU A 48 9.14 8.92 -6.74
N ALA A 49 9.68 9.65 -7.71
CA ALA A 49 10.83 9.19 -8.49
C ALA A 49 12.02 8.87 -7.60
N GLU A 50 12.27 9.76 -6.66
CA GLU A 50 13.37 9.60 -5.71
C GLU A 50 13.21 8.31 -4.92
N ILE A 51 11.99 8.05 -4.41
CA ILE A 51 11.77 6.84 -3.61
C ILE A 51 11.95 5.59 -4.48
N TYR A 52 11.35 5.56 -5.66
CA TYR A 52 11.47 4.41 -6.55
C TYR A 52 12.91 4.11 -6.99
N GLN A 53 13.77 5.12 -6.95
CA GLN A 53 15.14 4.96 -7.40
C GLN A 53 16.08 4.62 -6.24
N THR A 54 15.52 4.42 -5.05
CA THR A 54 16.27 3.97 -3.89
C THR A 54 17.03 2.67 -4.23
N VAL A 55 18.31 2.65 -3.91
CA VAL A 55 19.15 1.49 -4.11
C VAL A 55 18.51 0.25 -3.47
N MET A 56 18.54 -0.86 -4.22
CA MET A 56 18.02 -2.16 -3.80
C MET A 56 16.54 -2.23 -3.45
N LEU A 57 15.75 -1.31 -3.99
CA LEU A 57 14.32 -1.31 -3.70
C LEU A 57 13.56 -2.45 -4.42
N ARG A 58 13.97 -2.77 -5.64
CA ARG A 58 13.22 -3.73 -6.46
C ARG A 58 12.95 -5.03 -5.70
N HIS A 59 11.72 -5.50 -5.80
CA HIS A 59 11.26 -6.64 -5.06
C HIS A 59 9.96 -7.08 -5.75
N GLU A 60 9.71 -8.38 -5.82
CA GLU A 60 8.51 -8.88 -6.50
C GLU A 60 7.19 -8.29 -5.98
N ASN A 61 7.21 -7.80 -4.74
CA ASN A 61 6.00 -7.23 -4.12
C ASN A 61 6.03 -5.72 -3.97
N ILE A 62 6.89 -5.07 -4.76
CA ILE A 62 6.88 -3.62 -4.93
C ILE A 62 6.67 -3.36 -6.43
N LEU A 63 5.81 -2.40 -6.77
CA LEU A 63 5.53 -2.09 -8.17
C LEU A 63 6.83 -1.82 -8.91
N GLY A 64 6.98 -2.48 -10.06
CA GLY A 64 8.22 -2.45 -10.83
C GLY A 64 8.39 -1.13 -11.55
N PHE A 65 9.39 -0.35 -11.14
CA PHE A 65 9.62 1.00 -11.68
C PHE A 65 10.41 0.88 -12.94
N ILE A 66 10.00 1.58 -13.99
CA ILE A 66 10.75 1.60 -15.24
C ILE A 66 11.55 2.90 -15.33
N ALA A 67 10.92 4.05 -15.20
CA ALA A 67 11.63 5.31 -15.37
C ALA A 67 10.83 6.54 -14.98
N ALA A 68 11.54 7.61 -14.57
CA ALA A 68 10.98 8.96 -14.51
C ALA A 68 11.45 9.68 -15.76
N ASP A 69 10.62 10.53 -16.33
CA ASP A 69 10.99 11.23 -17.57
C ASP A 69 10.11 12.48 -17.72
N ASN A 70 10.49 13.34 -18.67
CA ASN A 70 9.70 14.49 -19.10
C ASN A 70 9.21 14.23 -20.53
N LYS A 71 8.05 14.76 -20.88
CA LYS A 71 7.60 14.77 -22.27
C LYS A 71 6.98 16.12 -22.58
N ASP A 72 7.49 16.78 -23.61
CA ASP A 72 6.97 18.08 -24.08
C ASP A 72 6.10 17.85 -25.30
N ASN A 73 4.81 18.16 -25.19
CA ASN A 73 3.89 18.00 -26.31
C ASN A 73 3.90 19.20 -27.28
N GLY A 74 4.72 20.21 -26.98
CA GLY A 74 4.84 21.43 -27.79
C GLY A 74 4.12 22.62 -27.17
N THR A 75 3.30 22.36 -26.15
CA THR A 75 2.63 23.45 -25.42
C THR A 75 2.98 23.40 -23.94
N TRP A 76 2.92 22.21 -23.35
CA TRP A 76 3.29 22.07 -21.97
C TRP A 76 4.10 20.81 -21.76
N THR A 77 4.79 20.77 -20.63
CA THR A 77 5.57 19.63 -20.22
C THR A 77 4.82 18.75 -19.23
N GLN A 78 4.84 17.44 -19.49
CA GLN A 78 4.30 16.43 -18.60
C GLN A 78 5.45 15.73 -17.91
N LEU A 79 5.25 15.37 -16.64
CA LEU A 79 6.24 14.67 -15.82
C LEU A 79 5.73 13.25 -15.63
N TRP A 80 6.50 12.28 -16.10
CA TRP A 80 6.09 10.89 -16.20
C TRP A 80 6.77 9.97 -15.20
N LEU A 81 6.02 9.06 -14.58
CA LEU A 81 6.61 7.88 -13.95
C LEU A 81 6.06 6.66 -14.66
N VAL A 82 6.95 5.81 -15.15
CA VAL A 82 6.53 4.65 -15.93
C VAL A 82 6.82 3.38 -15.12
N SER A 83 5.84 2.49 -15.04
CA SER A 83 5.95 1.24 -14.29
C SER A 83 5.41 0.05 -15.08
N ASP A 84 5.63 -1.13 -14.53
CA ASP A 84 4.94 -2.34 -14.97
C ASP A 84 3.43 -2.11 -15.00
N TYR A 85 2.73 -2.77 -15.93
CA TYR A 85 1.27 -2.76 -15.98
C TYR A 85 0.75 -4.12 -15.51
N HIS A 86 -0.28 -4.10 -14.67
CA HIS A 86 -0.94 -5.31 -14.19
C HIS A 86 -2.40 -5.25 -14.55
N GLU A 87 -2.84 -6.22 -15.35
CA GLU A 87 -4.18 -6.22 -15.94
C GLU A 87 -5.29 -6.16 -14.90
N HIS A 88 -5.10 -6.84 -13.78
CA HIS A 88 -6.11 -6.83 -12.71
C HIS A 88 -6.32 -5.47 -12.06
N GLY A 89 -5.30 -4.62 -12.07
CA GLY A 89 -5.36 -3.35 -11.37
C GLY A 89 -5.30 -3.53 -9.86
N SER A 90 -5.98 -2.66 -9.14
CA SER A 90 -5.83 -2.59 -7.70
C SER A 90 -6.47 -3.78 -6.98
N LEU A 91 -5.95 -4.06 -5.79
CA LEU A 91 -6.53 -5.05 -4.88
C LEU A 91 -7.98 -4.68 -4.55
N PHE A 92 -8.25 -3.38 -4.43
CA PHE A 92 -9.61 -2.87 -4.25
C PHE A 92 -10.55 -3.35 -5.35
N ASP A 93 -10.18 -3.10 -6.61
CA ASP A 93 -10.98 -3.55 -7.74
C ASP A 93 -11.11 -5.07 -7.74
N TYR A 94 -10.01 -5.76 -7.50
CA TYR A 94 -9.96 -7.22 -7.56
C TYR A 94 -10.94 -7.83 -6.53
N LEU A 95 -10.87 -7.33 -5.31
CA LEU A 95 -11.72 -7.81 -4.23
C LEU A 95 -13.19 -7.44 -4.40
N ASN A 96 -13.46 -6.32 -5.04
CA ASN A 96 -14.82 -6.02 -5.47
C ASN A 96 -15.34 -7.02 -6.51
N ARG A 97 -14.48 -7.40 -7.47
CA ARG A 97 -14.88 -8.28 -8.57
CA ARG A 97 -14.89 -8.28 -8.57
C ARG A 97 -15.03 -9.74 -8.20
N TYR A 98 -14.13 -10.21 -7.34
CA TYR A 98 -13.97 -11.65 -7.12
C TYR A 98 -14.00 -12.04 -5.66
N THR A 99 -14.30 -13.32 -5.43
CA THR A 99 -14.02 -13.98 -4.16
C THR A 99 -12.72 -14.76 -4.35
N VAL A 100 -12.12 -15.14 -3.24
CA VAL A 100 -10.81 -15.80 -3.23
C VAL A 100 -10.92 -17.11 -2.45
N THR A 101 -10.10 -18.08 -2.82
CA THR A 101 -9.94 -19.33 -2.09
C THR A 101 -9.09 -19.05 -0.86
N VAL A 102 -9.04 -20.01 0.08
CA VAL A 102 -8.10 -19.91 1.19
C VAL A 102 -6.69 -19.68 0.64
N GLU A 103 -6.28 -20.48 -0.35
CA GLU A 103 -4.97 -20.37 -0.95
C GLU A 103 -4.75 -18.97 -1.56
N GLY A 104 -5.77 -18.44 -2.21
CA GLY A 104 -5.71 -17.13 -2.85
C GLY A 104 -5.59 -16.02 -1.82
N MET A 105 -6.33 -16.14 -0.73
CA MET A 105 -6.29 -15.18 0.36
C MET A 105 -4.90 -15.14 0.95
N ILE A 106 -4.33 -16.31 1.20
CA ILE A 106 -2.98 -16.41 1.78
C ILE A 106 -1.93 -15.81 0.85
N LYS A 107 -2.06 -16.07 -0.46
CA LYS A 107 -1.16 -15.50 -1.46
C LYS A 107 -1.18 -13.95 -1.45
N LEU A 108 -2.38 -13.38 -1.44
CA LEU A 108 -2.55 -11.93 -1.36
C LEU A 108 -1.97 -11.33 -0.07
N ALA A 109 -2.26 -11.96 1.07
CA ALA A 109 -1.79 -11.46 2.36
C ALA A 109 -0.29 -11.57 2.53
N LEU A 110 0.27 -12.74 2.21
CA LEU A 110 1.70 -12.98 2.34
C LEU A 110 2.51 -12.06 1.43
N SER A 111 2.06 -11.90 0.18
CA SER A 111 2.79 -11.07 -0.78
C SER A 111 2.76 -9.59 -0.35
N THR A 112 1.61 -9.13 0.14
CA THR A 112 1.51 -7.78 0.70
C THR A 112 2.45 -7.60 1.89
N ALA A 113 2.48 -8.59 2.79
CA ALA A 113 3.35 -8.53 3.96
C ALA A 113 4.84 -8.56 3.58
N SER A 114 5.17 -9.34 2.56
CA SER A 114 6.55 -9.43 2.06
C SER A 114 7.02 -8.12 1.46
N GLY A 115 6.15 -7.47 0.69
CA GLY A 115 6.40 -6.14 0.15
C GLY A 115 6.65 -5.13 1.25
N LEU A 116 5.79 -5.13 2.27
CA LEU A 116 5.94 -4.19 3.37
C LEU A 116 7.21 -4.45 4.18
N ALA A 117 7.49 -5.72 4.46
CA ALA A 117 8.70 -6.07 5.20
C ALA A 117 9.96 -5.65 4.44
N HIS A 118 9.93 -5.76 3.12
CA HIS A 118 11.02 -5.29 2.29
C HIS A 118 11.17 -3.76 2.36
N LEU A 119 10.07 -3.02 2.21
CA LEU A 119 10.10 -1.57 2.43
C LEU A 119 10.71 -1.23 3.76
N HIS A 120 10.21 -1.88 4.80
CA HIS A 120 10.61 -1.60 6.18
C HIS A 120 12.05 -1.99 6.51
N MET A 121 12.61 -2.96 5.78
CA MET A 121 13.92 -3.51 6.10
C MET A 121 15.09 -2.63 5.63
N GLU A 122 15.99 -2.31 6.55
CA GLU A 122 17.27 -1.75 6.17
C GLU A 122 18.17 -2.89 5.69
N ILE A 123 18.78 -2.71 4.53
CA ILE A 123 19.77 -3.63 3.99
C ILE A 123 21.12 -2.93 4.05
N VAL A 124 22.04 -3.47 4.85
CA VAL A 124 23.37 -2.87 4.99
C VAL A 124 24.23 -3.15 3.77
N GLY A 125 25.29 -2.38 3.61
CA GLY A 125 26.24 -2.62 2.54
C GLY A 125 26.50 -1.38 1.73
N THR A 126 27.46 -1.47 0.82
CA THR A 126 27.81 -0.37 -0.06
C THR A 126 26.61 0.02 -0.91
N GLN A 127 25.85 -0.99 -1.36
CA GLN A 127 24.59 -0.78 -2.08
C GLN A 127 23.44 -1.04 -1.12
N GLY A 128 23.51 -0.44 0.06
CA GLY A 128 22.50 -0.63 1.09
C GLY A 128 21.22 0.17 0.90
N LYS A 129 20.14 -0.40 1.37
CA LYS A 129 18.83 0.18 1.22
C LYS A 129 18.39 0.67 2.59
N PRO A 130 17.95 1.94 2.70
CA PRO A 130 17.44 2.43 3.96
C PRO A 130 16.03 1.88 4.23
N ALA A 131 15.66 1.81 5.50
CA ALA A 131 14.31 1.47 5.89
C ALA A 131 13.39 2.54 5.32
N ILE A 132 12.22 2.12 4.84
CA ILE A 132 11.25 3.00 4.24
C ILE A 132 9.88 2.71 4.84
N ALA A 133 9.16 3.77 5.21
CA ALA A 133 7.77 3.65 5.62
C ALA A 133 6.87 4.29 4.54
N HIS A 134 5.75 3.64 4.25
CA HIS A 134 4.89 4.03 3.11
C HIS A 134 3.99 5.24 3.40
N ARG A 135 3.26 5.17 4.51
CA ARG A 135 2.37 6.23 5.04
C ARG A 135 1.01 6.40 4.38
N ASP A 136 0.73 5.62 3.34
CA ASP A 136 -0.59 5.61 2.71
C ASP A 136 -0.98 4.24 2.15
N LEU A 137 -0.73 3.19 2.94
CA LEU A 137 -1.04 1.85 2.50
C LEU A 137 -2.56 1.66 2.53
N LYS A 138 -3.10 1.12 1.44
CA LYS A 138 -4.52 0.81 1.34
C LYS A 138 -4.75 -0.11 0.16
N SER A 139 -5.93 -0.69 0.09
CA SER A 139 -6.21 -1.61 -1.00
C SER A 139 -6.18 -0.94 -2.41
N LYS A 140 -6.39 0.37 -2.49
CA LYS A 140 -6.33 1.07 -3.77
C LYS A 140 -4.89 1.32 -4.25
N ASN A 141 -3.92 1.12 -3.37
CA ASN A 141 -2.50 1.35 -3.67
C ASN A 141 -1.70 0.06 -3.76
N ILE A 142 -2.40 -1.07 -3.83
CA ILE A 142 -1.79 -2.39 -3.98
C ILE A 142 -2.36 -2.97 -5.26
N LEU A 143 -1.50 -3.51 -6.12
CA LEU A 143 -1.94 -4.06 -7.41
C LEU A 143 -1.83 -5.56 -7.37
N VAL A 144 -2.72 -6.25 -8.08
CA VAL A 144 -2.72 -7.72 -8.13
C VAL A 144 -2.16 -8.18 -9.47
N LYS A 145 -1.12 -8.99 -9.43
CA LYS A 145 -0.48 -9.50 -10.62
C LYS A 145 -1.27 -10.69 -11.15
N LYS A 146 -0.99 -11.05 -12.40
CA LYS A 146 -1.63 -12.21 -13.04
C LYS A 146 -1.43 -13.50 -12.25
N ASN A 147 -0.27 -13.66 -11.61
CA ASN A 147 0.00 -14.84 -10.77
C ASN A 147 -0.71 -14.80 -9.40
N GLY A 148 -1.50 -13.76 -9.15
CA GLY A 148 -2.32 -13.69 -7.97
C GLY A 148 -1.58 -13.21 -6.74
N THR A 149 -0.37 -12.68 -6.93
CA THR A 149 0.34 -12.02 -5.84
C THR A 149 0.18 -10.50 -5.95
N CYS A 150 0.47 -9.79 -4.86
CA CYS A 150 0.33 -8.32 -4.78
C CYS A 150 1.67 -7.59 -4.89
N CYS A 151 1.62 -6.35 -5.38
CA CYS A 151 2.74 -5.42 -5.21
C CYS A 151 2.22 -4.06 -4.78
N ILE A 152 3.04 -3.41 -3.97
CA ILE A 152 2.70 -2.13 -3.35
C ILE A 152 3.15 -0.99 -4.24
N ALA A 153 2.28 0.01 -4.37
CA ALA A 153 2.54 1.18 -5.20
C ALA A 153 2.29 2.47 -4.42
N ASP A 154 2.37 3.60 -5.11
CA ASP A 154 2.08 4.94 -4.57
C ASP A 154 3.04 5.27 -3.43
N LEU A 155 4.29 5.51 -3.78
CA LEU A 155 5.33 5.67 -2.78
C LEU A 155 5.68 7.12 -2.52
N GLY A 156 4.84 8.03 -3.02
CA GLY A 156 5.13 9.46 -2.97
C GLY A 156 5.12 10.11 -1.59
N LEU A 157 4.42 9.49 -0.63
CA LEU A 157 4.37 10.00 0.74
C LEU A 157 5.35 9.27 1.67
N ALA A 158 6.18 8.38 1.11
CA ALA A 158 7.08 7.58 1.93
C ALA A 158 8.16 8.40 2.62
N VAL A 159 8.68 7.84 3.72
CA VAL A 159 9.79 8.45 4.45
C VAL A 159 10.92 7.43 4.58
N ARG A 160 12.16 7.90 4.47
CA ARG A 160 13.31 7.00 4.50
C ARG A 160 14.13 7.31 5.73
N HIS A 161 14.69 6.27 6.32
CA HIS A 161 15.42 6.40 7.58
C HIS A 161 16.92 6.29 7.36
N ASP A 162 17.68 7.16 8.02
CA ASP A 162 19.12 6.99 8.11
C ASP A 162 19.42 6.43 9.50
N SER A 163 19.80 5.16 9.58
CA SER A 163 20.00 4.45 10.84
C SER A 163 21.20 4.97 11.62
N ALA A 164 22.23 5.38 10.90
CA ALA A 164 23.49 5.80 11.51
C ALA A 164 23.30 7.05 12.34
N THR A 165 22.90 8.14 11.68
CA THR A 165 22.69 9.44 12.34
C THR A 165 21.30 9.56 12.94
N ASP A 166 20.44 8.57 12.67
CA ASP A 166 19.05 8.56 13.15
C ASP A 166 18.21 9.75 12.67
N THR A 167 18.11 9.93 11.35
CA THR A 167 17.31 11.02 10.79
C THR A 167 16.41 10.52 9.65
N ILE A 168 15.23 11.12 9.54
CA ILE A 168 14.32 10.85 8.44
C ILE A 168 14.68 11.83 7.33
N ASP A 169 14.52 11.43 6.06
CA ASP A 169 15.07 12.24 4.95
C ASP A 169 14.23 13.47 4.57
N ILE A 170 13.00 13.56 5.09
CA ILE A 170 12.18 14.77 4.95
C ILE A 170 11.60 15.18 6.31
N ALA A 171 11.08 16.40 6.38
CA ALA A 171 10.36 16.88 7.56
C ALA A 171 8.89 16.58 7.37
N PRO A 172 8.39 15.46 7.96
CA PRO A 172 7.04 15.02 7.59
C PRO A 172 5.92 15.81 8.27
N ASN A 173 4.81 15.97 7.55
CA ASN A 173 3.62 16.65 8.08
C ASN A 173 2.64 15.62 8.63
N HIS A 174 1.82 16.03 9.59
CA HIS A 174 0.78 15.16 10.14
C HIS A 174 -0.27 14.82 9.09
N ARG A 175 -0.84 13.63 9.20
CA ARG A 175 -2.06 13.26 8.47
C ARG A 175 -1.99 13.56 6.97
N VAL A 176 -1.03 12.95 6.28
CA VAL A 176 -0.87 13.13 4.83
C VAL A 176 -1.69 12.15 3.98
N GLY A 177 -1.98 10.99 4.55
CA GLY A 177 -2.57 9.87 3.81
C GLY A 177 -4.08 9.78 3.80
N THR A 178 -4.58 8.57 3.63
CA THR A 178 -6.02 8.35 3.49
C THR A 178 -6.64 8.21 4.88
N LYS A 179 -7.61 9.06 5.17
CA LYS A 179 -8.12 9.16 6.54
C LYS A 179 -8.66 7.84 7.09
N ARG A 180 -9.40 7.10 6.28
CA ARG A 180 -9.97 5.82 6.71
C ARG A 180 -8.94 4.86 7.30
N TYR A 181 -7.71 4.89 6.76
CA TYR A 181 -6.65 3.96 7.13
C TYR A 181 -5.61 4.54 8.12
N MET A 182 -5.81 5.78 8.57
CA MET A 182 -4.91 6.37 9.55
C MET A 182 -4.98 5.62 10.87
N ALA A 183 -3.81 5.31 11.44
CA ALA A 183 -3.74 4.66 12.75
C ALA A 183 -4.22 5.62 13.84
N PRO A 184 -4.65 5.09 14.99
CA PRO A 184 -5.12 5.95 16.06
C PRO A 184 -4.19 7.12 16.38
N GLU A 185 -2.89 6.85 16.53
CA GLU A 185 -1.90 7.88 16.87
C GLU A 185 -1.67 8.92 15.77
N VAL A 186 -2.01 8.58 14.53
CA VAL A 186 -2.02 9.54 13.43
C VAL A 186 -3.28 10.41 13.50
N LEU A 187 -4.43 9.76 13.68
CA LEU A 187 -5.71 10.47 13.84
C LEU A 187 -5.72 11.57 14.91
N ASP A 188 -5.14 11.28 16.08
CA ASP A 188 -5.09 12.28 17.16
C ASP A 188 -3.79 13.08 17.22
N ASP A 189 -2.96 12.96 16.19
CA ASP A 189 -1.69 13.72 16.09
C ASP A 189 -0.68 13.43 17.22
N SER A 190 -0.87 12.33 17.96
CA SER A 190 0.05 11.98 19.04
C SER A 190 1.34 11.32 18.55
N ILE A 191 1.34 10.82 17.32
CA ILE A 191 2.50 10.14 16.75
C ILE A 191 3.79 10.99 16.85
N ASN A 192 4.84 10.38 17.37
CA ASN A 192 6.15 11.01 17.43
C ASN A 192 6.85 10.87 16.08
N MET A 193 6.85 11.95 15.31
CA MET A 193 7.34 11.91 13.92
C MET A 193 8.85 12.08 13.77
N LYS A 194 9.55 12.24 14.89
CA LYS A 194 11.00 12.16 14.90
C LYS A 194 11.45 10.70 15.08
N HIS A 195 10.50 9.82 15.41
CA HIS A 195 10.77 8.41 15.68
C HIS A 195 10.33 7.58 14.47
N PHE A 196 11.29 7.13 13.66
CA PHE A 196 10.98 6.39 12.45
C PHE A 196 10.14 5.12 12.69
N GLU A 197 10.39 4.41 13.79
CA GLU A 197 9.60 3.22 14.13
C GLU A 197 8.10 3.48 14.17
N SER A 198 7.71 4.70 14.53
CA SER A 198 6.30 5.08 14.58
C SER A 198 5.61 5.02 13.22
N PHE A 199 6.32 5.41 12.17
CA PHE A 199 5.77 5.32 10.81
C PHE A 199 5.60 3.85 10.36
N LYS A 200 6.58 3.01 10.69
CA LYS A 200 6.48 1.57 10.43
C LYS A 200 5.24 1.00 11.12
N ARG A 201 5.06 1.35 12.39
CA ARG A 201 3.95 0.84 13.18
C ARG A 201 2.60 1.28 12.66
N ALA A 202 2.53 2.51 12.14
CA ALA A 202 1.34 3.02 11.49
C ALA A 202 1.00 2.28 10.21
N ASP A 203 2.02 1.91 9.43
CA ASP A 203 1.80 1.08 8.22
C ASP A 203 1.17 -0.28 8.58
N ILE A 204 1.60 -0.87 9.69
CA ILE A 204 1.12 -2.18 10.10
C ILE A 204 -0.39 -2.17 10.43
N TYR A 205 -0.83 -1.10 11.10
CA TYR A 205 -2.24 -0.92 11.38
C TYR A 205 -3.02 -0.90 10.06
N ALA A 206 -2.56 -0.12 9.08
CA ALA A 206 -3.23 -0.08 7.78
C ALA A 206 -3.21 -1.44 7.08
N MET A 207 -2.08 -2.15 7.12
CA MET A 207 -2.03 -3.48 6.51
C MET A 207 -3.07 -4.40 7.15
N GLY A 208 -3.26 -4.28 8.46
CA GLY A 208 -4.26 -5.05 9.17
C GLY A 208 -5.64 -4.83 8.58
N LEU A 209 -5.96 -3.57 8.28
CA LEU A 209 -7.22 -3.24 7.65
C LEU A 209 -7.35 -3.88 6.26
N VAL A 210 -6.29 -3.83 5.46
CA VAL A 210 -6.29 -4.48 4.13
C VAL A 210 -6.52 -6.01 4.26
N PHE A 211 -5.90 -6.63 5.26
CA PHE A 211 -6.07 -8.07 5.48
C PHE A 211 -7.53 -8.39 5.77
N TRP A 212 -8.18 -7.52 6.52
CA TRP A 212 -9.62 -7.65 6.80
C TRP A 212 -10.40 -7.57 5.48
N GLU A 213 -10.02 -6.66 4.59
CA GLU A 213 -10.74 -6.53 3.30
C GLU A 213 -10.65 -7.84 2.51
N ILE A 214 -9.46 -8.43 2.51
CA ILE A 214 -9.22 -9.68 1.81
C ILE A 214 -10.00 -10.83 2.40
N ALA A 215 -9.87 -11.02 3.71
CA ALA A 215 -10.47 -12.17 4.42
C ALA A 215 -11.98 -12.27 4.20
N ARG A 216 -12.64 -11.12 4.15
CA ARG A 216 -14.08 -11.05 3.84
C ARG A 216 -14.47 -11.76 2.55
N ARG A 217 -13.57 -11.74 1.57
CA ARG A 217 -13.83 -12.31 0.25
C ARG A 217 -13.37 -13.75 0.11
N CYS A 218 -12.83 -14.32 1.19
CA CYS A 218 -12.42 -15.70 1.20
C CYS A 218 -13.69 -16.56 1.31
N SER A 219 -14.04 -17.22 0.21
CA SER A 219 -15.26 -18.02 0.14
C SER A 219 -14.95 -19.48 0.41
N ILE A 220 -15.65 -20.06 1.39
CA ILE A 220 -15.49 -21.45 1.78
C ILE A 220 -16.88 -22.07 1.82
N GLY A 221 -17.11 -23.08 0.98
CA GLY A 221 -18.42 -23.69 0.84
C GLY A 221 -19.48 -22.71 0.35
N GLY A 222 -19.06 -21.75 -0.48
CA GLY A 222 -19.96 -20.73 -1.03
C GLY A 222 -20.24 -19.55 -0.10
N ILE A 223 -19.69 -19.59 1.11
CA ILE A 223 -19.99 -18.60 2.13
C ILE A 223 -18.86 -17.57 2.23
N HIS A 224 -19.23 -16.30 2.09
CA HIS A 224 -18.30 -15.18 2.17
C HIS A 224 -19.09 -13.90 2.43
N GLU A 225 -18.37 -12.83 2.73
CA GLU A 225 -18.98 -11.52 2.93
C GLU A 225 -18.91 -10.69 1.64
N ASP A 226 -19.77 -9.68 1.52
CA ASP A 226 -19.70 -8.73 0.41
C ASP A 226 -18.45 -7.89 0.59
N TYR A 227 -17.96 -7.29 -0.49
CA TYR A 227 -16.83 -6.39 -0.35
C TYR A 227 -17.27 -5.16 0.47
N GLN A 228 -16.46 -4.80 1.47
CA GLN A 228 -16.58 -3.50 2.13
C GLN A 228 -15.21 -2.91 2.47
N LEU A 229 -15.14 -1.59 2.51
CA LEU A 229 -14.01 -0.89 3.08
C LEU A 229 -14.05 -1.00 4.61
N PRO A 230 -12.89 -0.95 5.26
CA PRO A 230 -12.85 -0.93 6.73
C PRO A 230 -13.66 0.24 7.25
N TYR A 231 -14.42 -0.01 8.32
CA TYR A 231 -15.27 1.00 8.96
C TYR A 231 -16.51 1.43 8.17
N TYR A 232 -16.86 0.64 7.13
CA TYR A 232 -18.05 0.89 6.30
C TYR A 232 -19.29 1.00 7.17
N ASP A 233 -19.28 0.26 8.28
CA ASP A 233 -20.43 0.16 9.20
C ASP A 233 -20.50 1.28 10.25
N LEU A 234 -19.54 2.20 10.24
CA LEU A 234 -19.36 3.15 11.35
C LEU A 234 -19.11 4.60 10.95
N VAL A 235 -18.60 4.83 9.74
CA VAL A 235 -18.29 6.19 9.26
C VAL A 235 -18.85 6.41 7.85
N PRO A 236 -19.02 7.67 7.45
CA PRO A 236 -19.51 7.93 6.10
C PRO A 236 -18.49 7.56 5.02
N SER A 237 -18.95 7.47 3.78
CA SER A 237 -18.03 7.48 2.65
C SER A 237 -17.26 8.79 2.74
N ASP A 238 -15.97 8.74 2.44
CA ASP A 238 -15.09 9.92 2.54
C ASP A 238 -15.18 10.55 3.94
N PRO A 239 -14.73 9.81 4.96
CA PRO A 239 -14.89 10.31 6.33
C PRO A 239 -13.88 11.41 6.69
N SER A 240 -14.27 12.30 7.59
CA SER A 240 -13.38 13.31 8.13
C SER A 240 -12.49 12.68 9.21
N VAL A 241 -11.41 13.38 9.55
CA VAL A 241 -10.51 12.97 10.63
C VAL A 241 -11.26 12.90 11.96
N GLU A 242 -12.18 13.85 12.21
CA GLU A 242 -12.96 13.82 13.46
C GLU A 242 -13.89 12.61 13.54
N GLU A 243 -14.53 12.28 12.42
CA GLU A 243 -15.38 11.10 12.36
C GLU A 243 -14.57 9.84 12.63
N MET A 244 -13.41 9.74 11.97
CA MET A 244 -12.51 8.61 12.20
C MET A 244 -12.05 8.55 13.65
N ARG A 245 -11.65 9.70 14.21
CA ARG A 245 -11.10 9.76 15.57
C ARG A 245 -12.14 9.30 16.62
N LYS A 246 -13.39 9.74 16.44
CA LYS A 246 -14.49 9.35 17.33
C LYS A 246 -14.67 7.83 17.37
N VAL A 247 -14.54 7.16 16.24
CA VAL A 247 -14.73 5.71 16.17
C VAL A 247 -13.50 4.94 16.66
N VAL A 248 -12.34 5.33 16.16
CA VAL A 248 -11.10 4.57 16.33
C VAL A 248 -10.43 4.86 17.69
N CYS A 249 -10.43 6.13 18.10
CA CYS A 249 -9.73 6.56 19.32
C CYS A 249 -10.61 6.59 20.56
N GLU A 250 -11.82 7.15 20.43
CA GLU A 250 -12.73 7.31 21.57
C GLU A 250 -13.55 6.07 21.83
N GLN A 251 -14.30 5.62 20.83
CA GLN A 251 -15.11 4.42 20.98
C GLN A 251 -14.26 3.15 20.94
N LYS A 252 -13.06 3.26 20.37
CA LYS A 252 -12.07 2.17 20.30
C LYS A 252 -12.55 0.95 19.50
N LEU A 253 -13.27 1.20 18.41
CA LEU A 253 -13.78 0.14 17.56
C LEU A 253 -12.82 -0.16 16.42
N ARG A 254 -12.84 -1.41 16.01
CA ARG A 254 -12.09 -1.89 14.87
C ARG A 254 -13.07 -2.63 13.96
N PRO A 255 -12.68 -2.91 12.72
CA PRO A 255 -13.56 -3.68 11.85
C PRO A 255 -13.99 -5.00 12.48
N ASN A 256 -15.25 -5.39 12.29
CA ASN A 256 -15.77 -6.57 12.94
C ASN A 256 -15.17 -7.85 12.38
N ILE A 257 -14.81 -8.77 13.27
CA ILE A 257 -14.30 -10.08 12.88
C ILE A 257 -15.43 -11.12 13.00
N PRO A 258 -16.01 -11.53 11.85
CA PRO A 258 -17.16 -12.44 11.88
C PRO A 258 -16.86 -13.77 12.57
N ASN A 259 -17.91 -14.33 13.18
CA ASN A 259 -17.83 -15.63 13.85
C ASN A 259 -17.38 -16.74 12.91
N ARG A 260 -17.83 -16.72 11.66
CA ARG A 260 -17.49 -17.79 10.71
C ARG A 260 -15.98 -17.96 10.49
N TRP A 261 -15.19 -16.92 10.77
CA TRP A 261 -13.72 -16.97 10.57
C TRP A 261 -12.97 -17.85 11.57
N GLN A 262 -13.56 -18.12 12.74
CA GLN A 262 -12.93 -19.02 13.71
C GLN A 262 -13.03 -20.48 13.29
N SER A 263 -13.95 -20.81 12.38
CA SER A 263 -14.17 -22.19 11.93
C SER A 263 -13.14 -22.70 10.91
N CYS A 264 -12.29 -21.82 10.40
CA CYS A 264 -11.27 -22.19 9.42
C CYS A 264 -9.92 -21.70 9.92
N GLU A 265 -8.93 -22.59 9.96
CA GLU A 265 -7.62 -22.27 10.54
C GLU A 265 -6.95 -21.08 9.86
N ALA A 266 -6.99 -21.05 8.53
CA ALA A 266 -6.38 -19.94 7.78
C ALA A 266 -7.01 -18.60 8.19
N LEU A 267 -8.34 -18.57 8.29
CA LEU A 267 -9.04 -17.35 8.72
C LEU A 267 -8.76 -17.01 10.17
N ARG A 268 -8.59 -18.04 11.00
CA ARG A 268 -8.25 -17.89 12.42
C ARG A 268 -6.89 -17.18 12.58
N VAL A 269 -5.92 -17.61 11.78
CA VAL A 269 -4.60 -17.00 11.78
C VAL A 269 -4.65 -15.54 11.31
N MET A 270 -5.40 -15.31 10.23
CA MET A 270 -5.57 -13.96 9.67
C MET A 270 -6.25 -13.02 10.67
N ALA A 271 -7.28 -13.53 11.34
CA ALA A 271 -8.02 -12.75 12.33
C ALA A 271 -7.15 -12.37 13.53
N LYS A 272 -6.27 -13.29 13.93
CA LYS A 272 -5.34 -13.03 15.02
C LYS A 272 -4.31 -11.97 14.59
N ILE A 273 -3.84 -12.06 13.35
CA ILE A 273 -2.93 -11.04 12.81
C ILE A 273 -3.58 -9.66 12.84
N MET A 274 -4.81 -9.57 12.35
CA MET A 274 -5.53 -8.29 12.36
C MET A 274 -5.59 -7.65 13.74
N ARG A 275 -5.99 -8.43 14.74
CA ARG A 275 -6.08 -7.92 16.12
C ARG A 275 -4.76 -7.35 16.59
N GLU A 276 -3.69 -8.08 16.29
CA GLU A 276 -2.35 -7.68 16.70
C GLU A 276 -1.70 -6.61 15.80
N CYS A 277 -2.41 -6.17 14.77
CA CYS A 277 -2.09 -4.94 14.03
C CYS A 277 -2.86 -3.72 14.53
N TRP A 278 -3.89 -3.94 15.34
CA TRP A 278 -4.89 -2.91 15.60
C TRP A 278 -4.87 -2.30 16.99
N TYR A 279 -3.93 -2.75 17.82
CA TYR A 279 -3.67 -2.12 19.11
C TYR A 279 -3.49 -0.62 18.93
N ALA A 280 -4.06 0.18 19.84
CA ALA A 280 -3.92 1.63 19.81
C ALA A 280 -2.48 2.06 20.00
N ASN A 281 -1.72 1.28 20.76
CA ASN A 281 -0.30 1.51 20.97
C ASN A 281 0.52 0.78 19.90
N GLY A 282 1.18 1.54 19.03
CA GLY A 282 1.98 1.00 17.93
C GLY A 282 3.07 0.03 18.35
N ALA A 283 3.69 0.30 19.49
CA ALA A 283 4.75 -0.55 20.04
C ALA A 283 4.29 -1.99 20.33
N ALA A 284 2.98 -2.18 20.52
CA ALA A 284 2.40 -3.50 20.72
C ALA A 284 2.12 -4.27 19.41
N ARG A 285 2.11 -3.58 18.27
CA ARG A 285 1.77 -4.24 17.01
C ARG A 285 2.87 -5.19 16.53
N LEU A 286 2.46 -6.25 15.83
CA LEU A 286 3.37 -7.11 15.09
C LEU A 286 4.22 -6.30 14.09
N THR A 287 5.39 -6.83 13.74
CA THR A 287 6.20 -6.29 12.64
C THR A 287 5.81 -6.98 11.35
N ALA A 288 6.09 -6.32 10.22
CA ALA A 288 5.85 -6.89 8.89
C ALA A 288 6.59 -8.21 8.73
N LEU A 289 7.85 -8.24 9.20
CA LEU A 289 8.66 -9.46 9.14
C LEU A 289 8.02 -10.63 9.90
N ARG A 290 7.52 -10.36 11.10
CA ARG A 290 6.84 -11.40 11.89
C ARG A 290 5.59 -11.90 11.17
N ILE A 291 4.80 -10.99 10.62
CA ILE A 291 3.59 -11.33 9.89
C ILE A 291 3.92 -12.19 8.67
N LYS A 292 4.96 -11.81 7.93
CA LYS A 292 5.43 -12.59 6.80
C LYS A 292 5.81 -14.02 7.21
N LYS A 293 6.48 -14.15 8.35
CA LYS A 293 6.90 -15.46 8.85
C LYS A 293 5.72 -16.33 9.21
N THR A 294 4.73 -15.73 9.88
CA THR A 294 3.51 -16.44 10.26
C THR A 294 2.73 -16.92 9.03
N LEU A 295 2.58 -16.05 8.02
CA LEU A 295 1.86 -16.41 6.80
C LEU A 295 2.66 -17.40 5.95
N SER A 296 3.99 -17.32 5.97
CA SER A 296 4.81 -18.29 5.25
C SER A 296 4.64 -19.67 5.85
N GLN A 297 4.73 -19.76 7.17
CA GLN A 297 4.46 -21.02 7.87
C GLN A 297 3.06 -21.56 7.56
N LEU A 298 2.06 -20.68 7.56
CA LEU A 298 0.68 -21.09 7.27
C LEU A 298 0.52 -21.66 5.86
N SER A 299 1.11 -21.00 4.86
CA SER A 299 0.98 -21.46 3.48
C SER A 299 1.68 -22.81 3.26
N GLN A 300 2.64 -23.14 4.12
CA GLN A 300 3.28 -24.45 4.11
C GLN A 300 2.36 -25.55 4.67
N GLN A 301 1.67 -25.27 5.78
CA GLN A 301 0.85 -26.26 6.49
C GLN A 301 -0.05 -27.12 5.60
C1 EDO B . 6.48 24.30 -24.76
O1 EDO B . 6.05 23.05 -24.21
C2 EDO B . 7.99 24.43 -24.62
O2 EDO B . 8.61 23.71 -25.69
C1 EDO C . -15.62 14.69 22.68
O1 EDO C . -14.64 13.80 23.24
C2 EDO C . -15.77 14.49 21.17
O2 EDO C . -16.24 13.18 20.87
C1 ZUQ D . -0.16 0.21 -12.04
C5 ZUQ D . -2.49 0.18 -12.46
C2 ZUQ D . -0.06 -0.89 -12.84
C10 ZUQ D . 0.30 3.89 -8.57
C6 ZUQ D . -1.40 0.76 -11.83
C8 ZUQ D . -0.62 2.72 -10.46
C13 ZUQ D . 0.43 3.24 -11.19
C9 ZUQ D . -0.66 3.08 -9.12
C4 ZUQ D . -2.31 -0.92 -13.26
C12 ZUQ D . 1.33 4.02 -10.55
C19 ZUQ D . -4.67 -1.24 -14.04
C22 ZUQ D . -7.02 -2.19 -14.49
C23 ZUQ D . -6.52 -1.64 -15.79
C15 ZUQ D . 1.98 3.87 -12.66
C21 ZUQ D . -5.55 -2.21 -14.79
N3 ZUQ D . -1.10 -1.47 -13.46
N11 ZUQ D . 1.34 4.40 -9.26
N7 ZUQ D . -1.61 1.90 -11.01
N18 ZUQ D . -3.36 -1.60 -13.94
O20 ZUQ D . -5.13 -0.20 -13.58
O14 ZUQ D . 0.78 3.10 -12.52
O16 ZUQ D . 2.32 4.45 -11.39
CL ZUQ D . -1.95 2.50 -8.11
#